data_6JQE
#
_entry.id   6JQE
#
_cell.length_a   84.240
_cell.length_b   57.298
_cell.length_c   73.147
_cell.angle_alpha   90.00
_cell.angle_beta   112.13
_cell.angle_gamma   90.00
#
_symmetry.space_group_name_H-M   'C 1 2 1'
#
loop_
_entity.id
_entity.type
_entity.pdbx_description
1 polymer 'Carbonic anhydrase'
2 non-polymer 'ZINC ION'
3 water water
#
_entity_poly.entity_id   1
_entity_poly.type   'polypeptide(L)'
_entity_poly.pdbx_seq_one_letter_code
;YQLQPLSLDSVPWRRQPGQQVLWIGCSDSGCDELESSGLPADEIFEYRSLGNMMVDDLSCKATLGYALDSLKIRNIVICG
HYGCHIASGEVNAGLQKPWSSVLDTLRSTHRRTLDSLTGTERDRALVELNVLEQVHSLRQSAEAAEALQKQQLNIWGMVY
DKATKRGYQLI
;
_entity_poly.pdbx_strand_id   A,B
#
loop_
_chem_comp.id
_chem_comp.type
_chem_comp.name
_chem_comp.formula
ZN non-polymer 'ZINC ION' 'Zn 2'
#
# COMPACT_ATOMS: atom_id res chain seq x y z
N TYR A 1 -23.14 11.02 -10.28
CA TYR A 1 -22.99 10.10 -9.11
C TYR A 1 -23.66 10.71 -7.86
N GLN A 2 -23.96 9.86 -6.88
CA GLN A 2 -24.46 10.24 -5.55
C GLN A 2 -23.67 9.45 -4.49
N LEU A 3 -23.63 9.96 -3.26
CA LEU A 3 -23.00 9.32 -2.08
C LEU A 3 -24.10 8.63 -1.26
N GLN A 4 -23.92 7.35 -0.97
CA GLN A 4 -24.81 6.53 -0.12
C GLN A 4 -24.02 6.12 1.11
N PRO A 5 -24.45 6.51 2.32
CA PRO A 5 -23.78 6.01 3.52
C PRO A 5 -23.79 4.48 3.47
N LEU A 6 -22.73 3.83 3.91
CA LEU A 6 -22.65 2.34 3.95
C LEU A 6 -23.27 1.88 5.28
N SER A 7 -23.87 0.69 5.31
CA SER A 7 -24.14 -0.08 6.56
C SER A 7 -23.09 -1.18 6.63
N LEU A 8 -22.36 -1.31 7.75
CA LEU A 8 -21.23 -2.26 7.84
C LEU A 8 -21.71 -3.71 7.69
N ASP A 9 -22.98 -4.00 8.02
CA ASP A 9 -23.52 -5.38 7.95
C ASP A 9 -23.99 -5.75 6.53
N SER A 10 -24.07 -4.81 5.59
CA SER A 10 -24.52 -5.06 4.20
C SER A 10 -23.65 -4.26 3.24
N VAL A 11 -22.36 -4.59 3.16
CA VAL A 11 -21.48 -3.89 2.19
C VAL A 11 -21.53 -4.68 0.88
N PRO A 12 -21.58 -3.96 -0.25
CA PRO A 12 -21.74 -4.60 -1.56
C PRO A 12 -20.60 -5.57 -1.88
N TRP A 13 -19.39 -5.34 -1.36
CA TRP A 13 -18.21 -6.22 -1.58
C TRP A 13 -18.14 -7.35 -0.55
N ARG A 14 -19.15 -7.56 0.28
CA ARG A 14 -19.15 -8.75 1.18
C ARG A 14 -20.56 -9.32 1.31
N ARG A 15 -21.09 -9.88 0.23
CA ARG A 15 -22.43 -10.52 0.23
C ARG A 15 -22.31 -11.93 0.82
N GLN A 16 -21.10 -12.47 0.93
CA GLN A 16 -20.82 -13.80 1.53
C GLN A 16 -19.46 -13.78 2.22
N PRO A 17 -19.30 -14.39 3.41
CA PRO A 17 -18.00 -14.40 4.11
C PRO A 17 -16.95 -15.30 3.44
N GLY A 18 -15.68 -15.16 3.83
CA GLY A 18 -14.58 -16.10 3.53
C GLY A 18 -13.65 -15.64 2.40
N GLN A 19 -14.15 -14.86 1.43
CA GLN A 19 -13.41 -14.48 0.19
C GLN A 19 -12.59 -13.18 0.44
N GLN A 20 -11.50 -12.99 -0.29
CA GLN A 20 -10.58 -11.84 -0.09
C GLN A 20 -10.97 -10.69 -1.02
N VAL A 21 -10.89 -9.48 -0.50
CA VAL A 21 -11.19 -8.24 -1.28
C VAL A 21 -9.87 -7.46 -1.49
N LEU A 22 -9.61 -7.04 -2.73
CA LEU A 22 -8.46 -6.16 -3.00
C LEU A 22 -8.90 -4.73 -2.66
N TRP A 23 -8.29 -4.16 -1.65
CA TRP A 23 -8.59 -2.82 -1.11
C TRP A 23 -7.50 -1.88 -1.60
N ILE A 24 -7.85 -0.91 -2.43
CA ILE A 24 -6.91 0.09 -2.97
C ILE A 24 -7.15 1.41 -2.22
N GLY A 25 -6.19 1.84 -1.41
CA GLY A 25 -6.33 3.03 -0.59
C GLY A 25 -5.18 3.97 -0.79
N CYS A 26 -5.22 5.13 -0.14
CA CYS A 26 -4.16 6.15 -0.25
C CYS A 26 -3.14 6.03 0.89
N SER A 27 -1.85 6.25 0.55
CA SER A 27 -0.68 6.30 1.44
C SER A 27 -0.82 7.31 2.60
N ASP A 28 -1.52 8.44 2.42
CA ASP A 28 -1.68 9.44 3.51
C ASP A 28 -3.05 9.29 4.19
N SER A 29 -3.78 8.19 3.94
CA SER A 29 -4.94 7.76 4.75
C SER A 29 -4.55 6.67 5.76
N GLY A 30 -5.14 6.69 6.96
CA GLY A 30 -4.84 5.73 8.05
C GLY A 30 -5.65 4.43 7.98
N CYS A 31 -5.31 3.49 8.88
CA CYS A 31 -6.00 2.21 9.12
C CYS A 31 -7.45 2.49 9.52
N ASP A 32 -7.76 3.68 10.03
CA ASP A 32 -9.11 4.10 10.50
C ASP A 32 -10.13 3.88 9.37
N GLU A 33 -9.69 4.06 8.13
CA GLU A 33 -10.45 3.82 6.89
C GLU A 33 -11.03 2.40 6.88
N LEU A 34 -10.23 1.39 7.21
CA LEU A 34 -10.62 -0.04 7.09
C LEU A 34 -11.67 -0.41 8.16
N GLU A 35 -11.78 0.37 9.24
CA GLU A 35 -12.85 0.20 10.26
C GLU A 35 -14.21 0.48 9.62
N SER A 36 -14.25 1.15 8.48
CA SER A 36 -15.49 1.45 7.72
C SER A 36 -15.67 0.47 6.54
N SER A 37 -14.86 -0.59 6.46
CA SER A 37 -14.80 -1.52 5.30
C SER A 37 -15.90 -2.58 5.39
N GLY A 38 -16.34 -2.90 6.59
CA GLY A 38 -17.25 -4.04 6.83
C GLY A 38 -16.55 -5.38 6.65
N LEU A 39 -15.22 -5.41 6.57
CA LEU A 39 -14.47 -6.68 6.33
C LEU A 39 -13.64 -6.98 7.58
N PRO A 40 -13.54 -8.26 8.01
CA PRO A 40 -12.53 -8.66 8.98
C PRO A 40 -11.15 -8.65 8.32
N ALA A 41 -10.10 -8.44 9.12
CA ALA A 41 -8.71 -8.22 8.66
C ALA A 41 -8.27 -9.34 7.70
N ASP A 42 -8.65 -10.59 7.94
CA ASP A 42 -8.20 -11.75 7.11
C ASP A 42 -8.95 -11.84 5.77
N GLU A 43 -9.86 -10.92 5.47
CA GLU A 43 -10.53 -10.85 4.14
C GLU A 43 -10.03 -9.64 3.35
N ILE A 44 -8.97 -8.99 3.81
CA ILE A 44 -8.43 -7.75 3.18
C ILE A 44 -7.06 -8.05 2.60
N PHE A 45 -6.90 -7.83 1.30
CA PHE A 45 -5.61 -7.73 0.60
C PHE A 45 -5.42 -6.25 0.22
N GLU A 46 -4.48 -5.56 0.87
CA GLU A 46 -4.44 -4.08 0.89
C GLU A 46 -3.32 -3.60 -0.02
N TYR A 47 -3.65 -2.83 -1.06
CA TYR A 47 -2.66 -2.10 -1.90
C TYR A 47 -2.81 -0.62 -1.56
N ARG A 48 -1.75 0.02 -1.05
CA ARG A 48 -1.85 1.41 -0.56
C ARG A 48 -0.78 2.24 -1.26
N SER A 49 -1.23 3.24 -2.02
CA SER A 49 -0.44 3.92 -3.07
C SER A 49 -0.75 5.41 -3.07
N LEU A 50 -0.03 6.16 -3.90
CA LEU A 50 -0.23 7.61 -4.11
C LEU A 50 -1.65 7.86 -4.64
N GLY A 51 -2.46 8.54 -3.83
CA GLY A 51 -3.80 9.01 -4.22
C GLY A 51 -4.77 7.88 -4.54
N ASN A 52 -4.61 6.69 -3.94
CA ASN A 52 -5.48 5.52 -4.18
C ASN A 52 -5.63 5.35 -5.70
N MET A 53 -4.54 5.47 -6.44
CA MET A 53 -4.57 5.35 -7.91
C MET A 53 -3.99 3.99 -8.33
N MET A 54 -4.44 3.54 -9.49
CA MET A 54 -3.84 2.46 -10.29
C MET A 54 -3.52 3.08 -11.66
N VAL A 55 -2.24 3.17 -11.99
CA VAL A 55 -1.73 3.76 -13.25
C VAL A 55 -1.18 2.56 -14.02
N ASP A 56 -0.85 2.65 -15.31
CA ASP A 56 -0.37 1.40 -15.98
C ASP A 56 1.15 1.35 -15.81
N ASP A 57 1.54 0.74 -14.70
CA ASP A 57 2.92 0.50 -14.21
C ASP A 57 2.97 -0.98 -13.81
N LEU A 58 4.17 -1.54 -13.62
CA LEU A 58 4.36 -2.97 -13.24
C LEU A 58 3.66 -3.27 -11.91
N SER A 59 3.78 -2.39 -10.90
CA SER A 59 3.19 -2.61 -9.55
C SER A 59 1.67 -2.77 -9.64
N CYS A 60 0.99 -1.90 -10.40
CA CYS A 60 -0.48 -1.94 -10.53
C CYS A 60 -0.89 -3.24 -11.24
N LYS A 61 -0.24 -3.54 -12.36
CA LYS A 61 -0.52 -4.76 -13.15
C LYS A 61 -0.24 -6.02 -12.33
N ALA A 62 0.92 -6.12 -11.67
CA ALA A 62 1.30 -7.33 -10.91
C ALA A 62 0.36 -7.50 -9.72
N THR A 63 -0.03 -6.42 -9.04
CA THR A 63 -0.91 -6.55 -7.85
C THR A 63 -2.29 -7.02 -8.29
N LEU A 64 -2.83 -6.40 -9.32
CA LEU A 64 -4.12 -6.83 -9.91
C LEU A 64 -4.01 -8.30 -10.32
N GLY A 65 -2.94 -8.64 -11.05
CA GLY A 65 -2.73 -10.02 -11.55
C GLY A 65 -2.63 -11.04 -10.42
N TYR A 66 -1.92 -10.74 -9.34
CA TYR A 66 -1.76 -11.67 -8.19
C TYR A 66 -3.13 -11.81 -7.54
N ALA A 67 -3.84 -10.70 -7.35
CA ALA A 67 -5.19 -10.72 -6.74
C ALA A 67 -6.14 -11.63 -7.56
N LEU A 68 -6.24 -11.43 -8.87
CA LEU A 68 -7.19 -12.22 -9.74
C LEU A 68 -6.69 -13.65 -9.90
N ASP A 69 -5.40 -13.87 -10.19
CA ASP A 69 -4.86 -15.20 -10.63
C ASP A 69 -4.54 -16.07 -9.41
N SER A 70 -3.91 -15.55 -8.36
CA SER A 70 -3.49 -16.36 -7.18
C SER A 70 -4.57 -16.37 -6.08
N LEU A 71 -5.19 -15.23 -5.75
CA LEU A 71 -6.17 -15.15 -4.63
C LEU A 71 -7.60 -15.36 -5.14
N LYS A 72 -7.81 -15.33 -6.46
CA LYS A 72 -9.14 -15.45 -7.13
C LYS A 72 -10.12 -14.46 -6.48
N ILE A 73 -9.71 -13.19 -6.36
CA ILE A 73 -10.56 -12.13 -5.75
C ILE A 73 -11.73 -11.84 -6.71
N ARG A 74 -12.92 -11.53 -6.18
CA ARG A 74 -14.13 -11.22 -6.98
C ARG A 74 -14.55 -9.76 -6.78
N ASN A 75 -13.97 -9.07 -5.80
CA ASN A 75 -14.34 -7.67 -5.47
C ASN A 75 -13.07 -6.81 -5.33
N ILE A 76 -13.08 -5.62 -5.94
CA ILE A 76 -12.04 -4.58 -5.77
C ILE A 76 -12.75 -3.35 -5.20
N VAL A 77 -12.19 -2.75 -4.15
CA VAL A 77 -12.68 -1.45 -3.63
C VAL A 77 -11.60 -0.42 -3.84
N ILE A 78 -11.95 0.70 -4.44
CA ILE A 78 -11.11 1.91 -4.51
C ILE A 78 -11.68 2.88 -3.48
N CYS A 79 -10.91 3.13 -2.42
CA CYS A 79 -11.29 3.98 -1.29
C CYS A 79 -10.46 5.28 -1.32
N GLY A 80 -11.13 6.39 -1.60
CA GLY A 80 -10.54 7.73 -1.44
C GLY A 80 -10.86 8.24 -0.04
N HIS A 81 -10.34 9.39 0.36
CA HIS A 81 -10.59 9.92 1.72
C HIS A 81 -10.54 11.47 1.68
N TYR A 82 -11.51 12.10 2.32
CA TYR A 82 -11.57 13.56 2.47
C TYR A 82 -10.36 14.05 3.28
N GLY A 83 -9.76 15.16 2.85
CA GLY A 83 -8.54 15.71 3.48
C GLY A 83 -7.27 15.12 2.87
N CYS A 84 -7.41 14.31 1.82
CA CYS A 84 -6.26 13.74 1.07
C CYS A 84 -5.36 14.91 0.63
N HIS A 85 -4.05 14.83 0.83
CA HIS A 85 -3.07 15.87 0.42
C HIS A 85 -2.71 15.70 -1.05
N ILE A 86 -2.90 14.52 -1.62
CA ILE A 86 -2.44 14.20 -3.01
C ILE A 86 -3.56 14.53 -3.99
N ALA A 87 -4.79 14.06 -3.77
CA ALA A 87 -5.98 14.43 -4.57
C ALA A 87 -6.55 15.74 -4.01
N SER A 88 -5.82 16.83 -4.19
CA SER A 88 -6.27 18.16 -3.68
C SER A 88 -5.73 19.28 -4.56
N GLY A 89 -6.31 20.47 -4.37
CA GLY A 89 -5.84 21.76 -4.87
C GLY A 89 -5.45 21.64 -6.32
N GLU A 90 -4.31 22.28 -6.65
CA GLU A 90 -3.58 22.10 -7.93
C GLU A 90 -2.11 21.74 -7.63
N VAL A 91 -1.28 21.77 -8.65
CA VAL A 91 0.01 21.02 -8.79
C VAL A 91 0.81 20.93 -7.47
N ASN A 92 1.19 19.70 -7.11
CA ASN A 92 2.36 19.38 -6.24
C ASN A 92 3.52 18.96 -7.15
N ALA A 93 4.64 19.67 -7.11
CA ALA A 93 5.81 19.42 -7.99
C ALA A 93 6.50 18.11 -7.58
N GLY A 94 6.38 17.71 -6.32
CA GLY A 94 6.96 16.47 -5.77
C GLY A 94 6.24 15.23 -6.28
N LEU A 95 5.05 15.39 -6.84
CA LEU A 95 4.19 14.29 -7.37
C LEU A 95 4.49 14.13 -8.86
N GLN A 96 5.01 12.96 -9.26
CA GLN A 96 5.52 12.67 -10.63
C GLN A 96 4.39 12.19 -11.53
N LYS A 97 4.65 12.09 -12.83
CA LYS A 97 3.71 11.52 -13.84
C LYS A 97 3.81 10.01 -13.69
N PRO A 98 2.74 9.23 -13.97
CA PRO A 98 1.47 9.79 -14.42
C PRO A 98 0.45 10.24 -13.35
N TRP A 99 0.77 10.13 -12.05
CA TRP A 99 -0.11 10.59 -10.93
C TRP A 99 -0.52 12.04 -11.16
N SER A 100 0.44 12.90 -11.46
CA SER A 100 0.21 14.35 -11.66
C SER A 100 -0.67 14.56 -12.89
N SER A 101 -0.50 13.73 -13.93
CA SER A 101 -1.28 13.77 -15.21
C SER A 101 -2.75 13.44 -14.95
N VAL A 102 -3.02 12.37 -14.21
CA VAL A 102 -4.41 11.98 -13.80
C VAL A 102 -5.07 13.20 -13.15
N LEU A 103 -4.39 13.86 -12.20
CA LEU A 103 -5.02 14.95 -11.42
C LEU A 103 -5.23 16.18 -12.33
N ASP A 104 -4.26 16.51 -13.17
CA ASP A 104 -4.41 17.64 -14.13
C ASP A 104 -5.59 17.34 -15.07
N THR A 105 -5.70 16.12 -15.58
CA THR A 105 -6.82 15.70 -16.48
C THR A 105 -8.17 15.84 -15.76
N LEU A 106 -8.26 15.46 -14.49
CA LEU A 106 -9.49 15.63 -13.69
C LEU A 106 -9.79 17.13 -13.54
N ARG A 107 -8.78 17.92 -13.26
CA ARG A 107 -8.96 19.38 -13.04
C ARG A 107 -9.47 20.01 -14.34
N SER A 108 -9.00 19.56 -15.51
CA SER A 108 -9.38 20.16 -16.84
C SER A 108 -10.76 19.61 -17.24
N THR A 109 -10.95 18.30 -17.16
CA THR A 109 -12.18 17.60 -17.60
C THR A 109 -13.37 18.11 -16.77
N HIS A 110 -13.19 18.33 -15.46
CA HIS A 110 -14.32 18.76 -14.58
C HIS A 110 -14.17 20.22 -14.15
N ARG A 111 -13.51 21.07 -14.95
CA ARG A 111 -13.26 22.51 -14.66
C ARG A 111 -14.55 23.23 -14.23
N ARG A 112 -15.64 22.98 -14.97
CA ARG A 112 -16.95 23.67 -14.81
C ARG A 112 -17.50 23.44 -13.40
N THR A 113 -17.56 22.18 -12.95
CA THR A 113 -18.04 21.76 -11.60
C THR A 113 -17.12 22.33 -10.53
N LEU A 114 -15.81 22.17 -10.68
CA LEU A 114 -14.82 22.58 -9.63
C LEU A 114 -14.88 24.09 -9.44
N ASP A 115 -15.04 24.86 -10.53
CA ASP A 115 -15.10 26.35 -10.49
C ASP A 115 -16.32 26.80 -9.67
N SER A 116 -17.38 26.00 -9.56
CA SER A 116 -18.62 26.36 -8.82
C SER A 116 -18.47 26.22 -7.30
N LEU A 117 -17.31 25.80 -6.79
CA LEU A 117 -17.09 25.41 -5.37
C LEU A 117 -15.93 26.21 -4.76
N THR A 118 -15.92 26.44 -3.44
CA THR A 118 -14.77 27.03 -2.70
C THR A 118 -13.70 25.94 -2.53
N GLY A 119 -12.54 26.28 -1.96
CA GLY A 119 -11.35 25.42 -1.87
C GLY A 119 -11.61 24.08 -1.19
N THR A 120 -12.23 24.07 -0.01
CA THR A 120 -12.39 22.84 0.82
C THR A 120 -13.41 21.93 0.13
N GLU A 121 -14.47 22.52 -0.41
CA GLU A 121 -15.53 21.80 -1.17
C GLU A 121 -14.96 21.36 -2.52
N ARG A 122 -14.03 22.11 -3.09
CA ARG A 122 -13.32 21.76 -4.35
C ARG A 122 -12.45 20.52 -4.13
N ASP A 123 -11.73 20.46 -3.02
CA ASP A 123 -10.84 19.32 -2.64
C ASP A 123 -11.69 18.05 -2.46
N ARG A 124 -12.82 18.15 -1.79
CA ARG A 124 -13.75 17.03 -1.54
C ARG A 124 -14.28 16.48 -2.86
N ALA A 125 -14.65 17.37 -3.78
CA ALA A 125 -15.13 17.00 -5.13
C ALA A 125 -14.02 16.29 -5.90
N LEU A 126 -12.78 16.76 -5.79
CA LEU A 126 -11.64 16.14 -6.49
C LEU A 126 -11.37 14.74 -5.91
N VAL A 127 -11.49 14.53 -4.59
CA VAL A 127 -11.39 13.16 -4.02
C VAL A 127 -12.43 12.25 -4.69
N GLU A 128 -13.69 12.68 -4.72
CA GLU A 128 -14.80 11.87 -5.28
C GLU A 128 -14.59 11.61 -6.77
N LEU A 129 -14.22 12.62 -7.53
CA LEU A 129 -13.98 12.48 -8.99
C LEU A 129 -12.81 11.52 -9.22
N ASN A 130 -11.78 11.59 -8.39
CA ASN A 130 -10.62 10.69 -8.55
C ASN A 130 -11.08 9.23 -8.37
N VAL A 131 -11.91 8.97 -7.36
CA VAL A 131 -12.39 7.58 -7.13
C VAL A 131 -13.19 7.10 -8.33
N LEU A 132 -14.10 7.93 -8.85
CA LEU A 132 -14.91 7.55 -10.01
C LEU A 132 -14.03 7.25 -11.22
N GLU A 133 -13.03 8.08 -11.47
CA GLU A 133 -12.13 7.88 -12.63
C GLU A 133 -11.32 6.59 -12.46
N GLN A 134 -10.82 6.34 -11.24
CA GLN A 134 -10.02 5.12 -10.98
C GLN A 134 -10.91 3.90 -11.22
N VAL A 135 -12.15 3.95 -10.74
CA VAL A 135 -13.07 2.81 -10.93
C VAL A 135 -13.31 2.62 -12.43
N HIS A 136 -13.61 3.71 -13.13
CA HIS A 136 -13.91 3.61 -14.58
C HIS A 136 -12.70 3.09 -15.33
N SER A 137 -11.52 3.63 -15.04
CA SER A 137 -10.31 3.21 -15.78
C SER A 137 -9.95 1.76 -15.46
N LEU A 138 -10.10 1.33 -14.20
CA LEU A 138 -9.76 -0.06 -13.83
C LEU A 138 -10.67 -1.04 -14.57
N ARG A 139 -11.94 -0.69 -14.75
CA ARG A 139 -12.93 -1.54 -15.47
C ARG A 139 -12.51 -1.75 -16.92
N GLN A 140 -11.88 -0.76 -17.53
CA GLN A 140 -11.45 -0.77 -18.96
C GLN A 140 -10.18 -1.58 -19.22
N SER A 141 -9.42 -1.92 -18.19
CA SER A 141 -8.21 -2.77 -18.30
C SER A 141 -8.63 -4.13 -18.89
N ALA A 142 -7.78 -4.74 -19.72
CA ALA A 142 -8.06 -5.98 -20.47
C ALA A 142 -8.44 -7.11 -19.50
N GLU A 143 -7.68 -7.27 -18.42
CA GLU A 143 -7.91 -8.35 -17.41
C GLU A 143 -9.26 -8.09 -16.70
N ALA A 144 -9.56 -6.85 -16.33
CA ALA A 144 -10.82 -6.56 -15.59
C ALA A 144 -12.02 -6.73 -16.53
N ALA A 145 -11.92 -6.28 -17.78
CA ALA A 145 -13.03 -6.27 -18.77
C ALA A 145 -13.49 -7.71 -19.04
N GLU A 146 -12.55 -8.65 -19.16
CA GLU A 146 -12.89 -10.07 -19.40
C GLU A 146 -13.63 -10.62 -18.16
N ALA A 147 -13.12 -10.37 -16.96
CA ALA A 147 -13.74 -10.80 -15.68
C ALA A 147 -15.12 -10.15 -15.52
N LEU A 148 -15.29 -8.86 -15.82
CA LEU A 148 -16.61 -8.18 -15.61
C LEU A 148 -17.65 -8.82 -16.53
N GLN A 149 -17.25 -9.11 -17.77
CA GLN A 149 -18.21 -9.63 -18.77
C GLN A 149 -18.62 -11.06 -18.38
N LYS A 150 -17.80 -11.77 -17.59
CA LYS A 150 -18.14 -13.09 -17.02
C LYS A 150 -18.86 -12.94 -15.68
N GLN A 151 -19.08 -11.71 -15.21
CA GLN A 151 -19.70 -11.44 -13.88
C GLN A 151 -18.87 -12.17 -12.82
N GLN A 152 -17.54 -12.14 -12.93
CA GLN A 152 -16.61 -12.73 -11.93
C GLN A 152 -15.80 -11.61 -11.27
N LEU A 153 -16.18 -10.35 -11.44
CA LEU A 153 -15.46 -9.21 -10.80
C LEU A 153 -16.44 -8.05 -10.64
N ASN A 154 -16.42 -7.40 -9.48
CA ASN A 154 -17.04 -6.08 -9.26
C ASN A 154 -15.95 -5.14 -8.73
N ILE A 155 -15.95 -3.92 -9.26
CA ILE A 155 -15.13 -2.80 -8.76
C ILE A 155 -16.08 -1.77 -8.17
N TRP A 156 -15.84 -1.42 -6.91
CA TRP A 156 -16.63 -0.45 -6.11
C TRP A 156 -15.78 0.80 -5.82
N GLY A 157 -16.44 1.93 -5.75
CA GLY A 157 -15.83 3.17 -5.29
C GLY A 157 -16.43 3.61 -3.99
N MET A 158 -15.57 4.06 -3.08
CA MET A 158 -16.07 4.64 -1.81
C MET A 158 -15.16 5.78 -1.37
N VAL A 159 -15.70 6.63 -0.51
CA VAL A 159 -14.94 7.74 0.10
C VAL A 159 -15.15 7.64 1.60
N TYR A 160 -14.04 7.74 2.34
CA TYR A 160 -14.01 7.68 3.82
C TYR A 160 -13.91 9.09 4.39
N ASP A 161 -14.75 9.35 5.38
CA ASP A 161 -14.85 10.67 6.06
C ASP A 161 -14.32 10.49 7.48
N LYS A 162 -13.09 10.93 7.74
CA LYS A 162 -12.44 10.90 9.08
C LYS A 162 -13.35 11.61 10.12
N ALA A 163 -14.01 12.72 9.77
CA ALA A 163 -14.84 13.54 10.70
C ALA A 163 -16.06 12.76 11.19
N THR A 164 -16.80 12.09 10.31
CA THR A 164 -18.00 11.26 10.67
C THR A 164 -17.61 9.80 10.96
N LYS A 165 -16.34 9.42 10.74
CA LYS A 165 -15.85 8.02 10.85
C LYS A 165 -16.76 7.06 10.06
N ARG A 166 -17.27 7.51 8.92
CA ARG A 166 -18.16 6.74 8.01
C ARG A 166 -17.58 6.69 6.59
N GLY A 167 -17.89 5.62 5.87
CA GLY A 167 -17.69 5.49 4.43
C GLY A 167 -18.96 5.77 3.66
N TYR A 168 -18.80 6.30 2.45
CA TYR A 168 -19.87 6.57 1.46
C TYR A 168 -19.55 5.83 0.17
N GLN A 169 -20.50 5.01 -0.32
CA GLN A 169 -20.39 4.36 -1.63
C GLN A 169 -20.74 5.36 -2.74
N LEU A 170 -19.96 5.37 -3.82
CA LEU A 170 -20.25 6.16 -5.04
C LEU A 170 -21.17 5.32 -5.92
N ILE A 171 -22.43 5.74 -6.03
CA ILE A 171 -23.48 5.20 -6.94
C ILE A 171 -23.72 6.25 -8.03
N TYR B 1 23.05 -10.51 10.29
CA TYR B 1 21.99 -9.77 11.07
C TYR B 1 21.62 -10.56 12.33
N GLN B 2 21.05 -9.87 13.31
CA GLN B 2 20.36 -10.47 14.48
C GLN B 2 18.99 -9.79 14.61
N LEU B 3 18.04 -10.44 15.30
CA LEU B 3 16.72 -9.84 15.64
C LEU B 3 16.77 -9.28 17.05
N GLN B 4 16.36 -8.03 17.22
CA GLN B 4 16.25 -7.34 18.52
C GLN B 4 14.78 -7.02 18.74
N PRO B 5 14.13 -7.55 19.79
CA PRO B 5 12.78 -7.12 20.12
C PRO B 5 12.78 -5.60 20.19
N LEU B 6 11.72 -4.94 19.75
CA LEU B 6 11.59 -3.47 19.86
C LEU B 6 11.05 -3.11 21.24
N SER B 7 11.46 -1.97 21.79
CA SER B 7 10.77 -1.29 22.92
C SER B 7 9.95 -0.15 22.32
N LEU B 8 8.62 -0.16 22.51
CA LEU B 8 7.71 0.74 21.75
C LEU B 8 8.01 2.20 22.10
N ASP B 9 8.56 2.45 23.29
CA ASP B 9 8.88 3.81 23.83
C ASP B 9 10.02 4.47 23.07
N SER B 10 11.02 3.70 22.61
CA SER B 10 12.22 4.25 21.93
C SER B 10 12.57 3.40 20.69
N VAL B 11 11.84 3.63 19.62
CA VAL B 11 12.11 2.97 18.31
C VAL B 11 13.12 3.83 17.55
N PRO B 12 14.03 3.17 16.81
CA PRO B 12 15.07 3.88 16.05
C PRO B 12 14.53 4.91 15.05
N TRP B 13 13.34 4.69 14.49
CA TRP B 13 12.73 5.62 13.48
C TRP B 13 11.88 6.69 14.18
N ARG B 14 11.91 6.77 15.51
CA ARG B 14 11.21 7.90 16.19
C ARG B 14 12.05 8.40 17.37
N ARG B 15 13.21 9.00 17.09
CA ARG B 15 14.08 9.63 18.12
C ARG B 15 13.52 11.03 18.44
N GLN B 16 12.63 11.56 17.59
CA GLN B 16 11.95 12.87 17.83
C GLN B 16 10.52 12.77 17.30
N PRO B 17 9.53 13.32 18.03
CA PRO B 17 8.16 13.41 17.52
C PRO B 17 7.98 14.40 16.35
N GLY B 18 6.87 14.28 15.61
CA GLY B 18 6.41 15.31 14.65
C GLY B 18 6.67 14.95 13.19
N GLN B 19 7.72 14.16 12.91
CA GLN B 19 8.17 13.83 11.53
C GLN B 19 7.40 12.61 11.01
N GLN B 20 7.17 12.58 9.69
CA GLN B 20 6.46 11.47 9.01
C GLN B 20 7.45 10.38 8.62
N VAL B 21 7.02 9.13 8.75
CA VAL B 21 7.84 7.93 8.43
C VAL B 21 7.21 7.21 7.25
N LEU B 22 8.00 6.87 6.22
CA LEU B 22 7.51 6.04 5.11
C LEU B 22 7.58 4.60 5.59
N TRP B 23 6.41 3.99 5.75
CA TRP B 23 6.24 2.60 6.21
C TRP B 23 5.97 1.75 4.98
N ILE B 24 6.87 0.83 4.65
CA ILE B 24 6.71 -0.06 3.49
C ILE B 24 6.35 -1.45 4.04
N GLY B 25 5.10 -1.89 3.84
CA GLY B 25 4.60 -3.16 4.39
C GLY B 25 4.02 -4.04 3.31
N CYS B 26 3.59 -5.24 3.68
CA CYS B 26 3.05 -6.23 2.73
C CYS B 26 1.51 -6.17 2.66
N SER B 27 1.00 -6.34 1.44
CA SER B 27 -0.44 -6.45 1.05
C SER B 27 -1.20 -7.52 1.82
N ASP B 28 -0.59 -8.65 2.21
CA ASP B 28 -1.31 -9.72 2.97
C ASP B 28 -0.97 -9.63 4.47
N SER B 29 -0.38 -8.53 4.95
CA SER B 29 -0.25 -8.20 6.40
C SER B 29 -1.32 -7.18 6.80
N GLY B 30 -1.92 -7.32 7.99
CA GLY B 30 -2.96 -6.42 8.52
C GLY B 30 -2.42 -5.16 9.23
N CYS B 31 -3.34 -4.25 9.55
CA CYS B 31 -3.13 -3.00 10.33
C CYS B 31 -2.46 -3.31 11.66
N ASP B 32 -2.67 -4.54 12.18
CA ASP B 32 -2.18 -4.99 13.51
C ASP B 32 -0.67 -4.76 13.59
N GLU B 33 0.02 -4.84 12.45
CA GLU B 33 1.47 -4.59 12.28
C GLU B 33 1.85 -3.22 12.86
N LEU B 34 1.08 -2.19 12.52
CA LEU B 34 1.39 -0.78 12.85
C LEU B 34 1.22 -0.53 14.35
N GLU B 35 0.42 -1.36 15.04
CA GLU B 35 0.29 -1.31 16.53
C GLU B 35 1.65 -1.63 17.18
N SER B 36 2.58 -2.25 16.46
CA SER B 36 3.93 -2.60 16.98
C SER B 36 4.98 -1.62 16.46
N SER B 37 4.58 -0.52 15.81
CA SER B 37 5.47 0.39 15.07
C SER B 37 6.13 1.42 16.00
N GLY B 38 5.53 1.71 17.15
CA GLY B 38 5.93 2.82 18.03
C GLY B 38 5.59 4.17 17.43
N LEU B 39 4.76 4.23 16.37
CA LEU B 39 4.38 5.52 15.73
C LEU B 39 2.89 5.76 15.95
N PRO B 40 2.48 7.01 16.22
CA PRO B 40 1.08 7.39 16.13
C PRO B 40 0.66 7.48 14.66
N ALA B 41 -0.62 7.26 14.40
CA ALA B 41 -1.26 7.25 13.07
C ALA B 41 -0.84 8.47 12.24
N ASP B 42 -0.75 9.65 12.83
CA ASP B 42 -0.50 10.89 12.03
C ASP B 42 1.00 11.08 11.75
N GLU B 43 1.86 10.12 12.10
CA GLU B 43 3.28 10.13 11.69
C GLU B 43 3.55 9.05 10.63
N ILE B 44 2.51 8.42 10.07
CA ILE B 44 2.69 7.24 9.17
C ILE B 44 2.25 7.62 7.75
N PHE B 45 3.16 7.51 6.79
CA PHE B 45 2.88 7.50 5.33
C PHE B 45 3.11 6.07 4.85
N GLU B 46 2.06 5.38 4.41
CA GLU B 46 2.06 3.89 4.31
C GLU B 46 2.05 3.50 2.83
N TYR B 47 3.09 2.79 2.37
CA TYR B 47 3.12 2.09 1.06
C TYR B 47 2.96 0.59 1.30
N ARG B 48 1.91 -0.04 0.76
CA ARG B 48 1.64 -1.48 1.02
C ARG B 48 1.58 -2.21 -0.31
N SER B 49 2.51 -3.16 -0.49
CA SER B 49 2.83 -3.75 -1.81
C SER B 49 3.07 -5.26 -1.66
N LEU B 50 3.24 -5.93 -2.78
CA LEU B 50 3.59 -7.37 -2.84
C LEU B 50 4.90 -7.63 -2.11
N GLY B 51 4.83 -8.42 -1.03
CA GLY B 51 5.96 -8.90 -0.23
C GLY B 51 6.79 -7.77 0.39
N ASN B 52 6.18 -6.61 0.70
CA ASN B 52 6.87 -5.44 1.30
C ASN B 52 8.15 -5.17 0.48
N MET B 53 8.06 -5.29 -0.84
CA MET B 53 9.19 -5.05 -1.75
C MET B 53 9.07 -3.67 -2.37
N MET B 54 10.21 -3.12 -2.75
CA MET B 54 10.34 -1.99 -3.69
C MET B 54 11.17 -2.52 -4.86
N VAL B 55 10.58 -2.56 -6.04
CA VAL B 55 11.24 -3.02 -7.30
C VAL B 55 11.48 -1.74 -8.08
N ASP B 56 12.35 -1.67 -9.08
CA ASP B 56 12.57 -0.32 -9.66
C ASP B 56 11.61 -0.19 -10.83
N ASP B 57 10.40 0.30 -10.49
CA ASP B 57 9.32 0.68 -11.41
C ASP B 57 8.85 2.08 -10.99
N LEU B 58 7.82 2.59 -11.64
CA LEU B 58 7.42 4.00 -11.53
C LEU B 58 6.82 4.24 -10.13
N SER B 59 6.03 3.30 -9.62
CA SER B 59 5.41 3.34 -8.28
C SER B 59 6.49 3.46 -7.19
N CYS B 60 7.56 2.66 -7.22
CA CYS B 60 8.64 2.75 -6.18
C CYS B 60 9.29 4.13 -6.27
N LYS B 61 9.68 4.55 -7.46
CA LYS B 61 10.37 5.84 -7.69
C LYS B 61 9.45 7.00 -7.28
N ALA B 62 8.17 7.00 -7.70
CA ALA B 62 7.25 8.13 -7.42
C ALA B 62 6.99 8.20 -5.92
N THR B 63 6.84 7.06 -5.24
CA THR B 63 6.50 7.03 -3.80
C THR B 63 7.70 7.56 -3.02
N LEU B 64 8.87 7.01 -3.31
CA LEU B 64 10.14 7.46 -2.68
C LEU B 64 10.29 8.96 -2.90
N GLY B 65 10.16 9.40 -4.15
CA GLY B 65 10.32 10.80 -4.55
C GLY B 65 9.38 11.73 -3.82
N TYR B 66 8.08 11.37 -3.73
CA TYR B 66 7.08 12.24 -3.06
C TYR B 66 7.41 12.27 -1.57
N ALA B 67 7.76 11.12 -1.00
CA ALA B 67 8.08 11.04 0.44
C ALA B 67 9.27 11.96 0.77
N LEU B 68 10.38 11.86 0.02
CA LEU B 68 11.60 12.69 0.27
C LEU B 68 11.35 14.16 -0.08
N ASP B 69 10.76 14.45 -1.24
CA ASP B 69 10.69 15.83 -1.82
C ASP B 69 9.52 16.62 -1.22
N SER B 70 8.33 16.04 -1.09
CA SER B 70 7.11 16.73 -0.60
C SER B 70 6.95 16.61 0.93
N LEU B 71 7.14 15.44 1.52
CA LEU B 71 6.91 15.23 2.98
C LEU B 71 8.22 15.44 3.76
N LYS B 72 9.37 15.49 3.10
CA LYS B 72 10.72 15.60 3.74
C LYS B 72 10.87 14.53 4.82
N ILE B 73 10.57 13.28 4.46
CA ILE B 73 10.71 12.13 5.39
C ILE B 73 12.21 11.88 5.62
N ARG B 74 12.58 11.52 6.84
CA ARG B 74 14.00 11.24 7.23
C ARG B 74 14.17 9.76 7.61
N ASN B 75 13.09 9.01 7.73
CA ASN B 75 13.13 7.59 8.14
C ASN B 75 12.23 6.77 7.20
N ILE B 76 12.78 5.64 6.72
CA ILE B 76 12.00 4.60 6.00
C ILE B 76 12.08 3.31 6.80
N VAL B 77 10.94 2.65 7.01
CA VAL B 77 10.89 1.32 7.65
C VAL B 77 10.36 0.34 6.60
N ILE B 78 11.07 -0.77 6.40
CA ILE B 78 10.59 -1.94 5.62
C ILE B 78 10.21 -3.00 6.65
N CYS B 79 8.91 -3.27 6.71
CA CYS B 79 8.29 -4.21 7.68
C CYS B 79 7.85 -5.49 6.96
N GLY B 80 8.56 -6.58 7.22
CA GLY B 80 8.14 -7.92 6.79
C GLY B 80 7.26 -8.54 7.85
N HIS B 81 6.68 -9.71 7.58
CA HIS B 81 5.81 -10.32 8.61
C HIS B 81 5.85 -11.85 8.48
N TYR B 82 5.97 -12.53 9.62
CA TYR B 82 5.93 -14.01 9.69
C TYR B 82 4.55 -14.47 9.25
N GLY B 83 4.50 -15.54 8.48
CA GLY B 83 3.25 -16.07 7.91
C GLY B 83 2.98 -15.46 6.53
N CYS B 84 3.85 -14.60 6.02
CA CYS B 84 3.70 -13.97 4.68
C CYS B 84 3.51 -15.07 3.62
N HIS B 85 2.51 -14.95 2.73
CA HIS B 85 2.24 -15.96 1.66
C HIS B 85 3.15 -15.70 0.46
N ILE B 86 3.68 -14.48 0.32
CA ILE B 86 4.49 -14.06 -0.85
C ILE B 86 5.96 -14.36 -0.56
N ALA B 87 6.51 -13.93 0.58
CA ALA B 87 7.90 -14.20 0.97
C ALA B 87 7.92 -15.54 1.71
N SER B 88 7.79 -16.65 0.97
CA SER B 88 7.74 -18.01 1.55
C SER B 88 8.28 -19.03 0.55
N GLY B 89 8.34 -20.31 0.97
CA GLY B 89 8.76 -21.44 0.13
C GLY B 89 7.71 -21.81 -0.91
N GLU B 90 6.47 -21.37 -0.77
CA GLU B 90 5.45 -21.71 -1.80
C GLU B 90 5.61 -20.73 -2.97
N VAL B 91 5.98 -21.24 -4.15
CA VAL B 91 6.22 -20.42 -5.37
C VAL B 91 4.91 -20.39 -6.13
N ASN B 92 4.26 -19.23 -6.09
CA ASN B 92 2.89 -19.05 -6.65
C ASN B 92 3.01 -18.54 -8.09
N ALA B 93 2.34 -19.21 -9.03
CA ALA B 93 2.52 -18.94 -10.49
C ALA B 93 1.89 -17.60 -10.86
N GLY B 94 0.89 -17.15 -10.09
CA GLY B 94 0.24 -15.84 -10.27
C GLY B 94 1.15 -14.66 -9.90
N LEU B 95 2.36 -14.89 -9.35
CA LEU B 95 3.29 -13.80 -8.93
C LEU B 95 4.26 -13.52 -10.09
N GLN B 96 4.21 -12.31 -10.64
CA GLN B 96 4.99 -11.85 -11.82
C GLN B 96 6.42 -11.43 -11.43
N LYS B 97 7.27 -11.28 -12.44
CA LYS B 97 8.61 -10.65 -12.35
C LYS B 97 8.41 -9.15 -12.25
N PRO B 98 9.28 -8.39 -11.56
CA PRO B 98 10.47 -8.95 -10.92
C PRO B 98 10.31 -9.49 -9.49
N TRP B 99 9.11 -9.46 -8.89
CA TRP B 99 8.85 -9.97 -7.51
C TRP B 99 9.33 -11.41 -7.42
N SER B 100 8.93 -12.25 -8.39
CA SER B 100 9.31 -13.69 -8.42
C SER B 100 10.84 -13.82 -8.57
N SER B 101 11.49 -12.95 -9.33
CA SER B 101 12.96 -12.91 -9.56
C SER B 101 13.73 -12.63 -8.27
N VAL B 102 13.30 -11.61 -7.52
CA VAL B 102 13.90 -11.28 -6.19
C VAL B 102 13.86 -12.55 -5.32
N LEU B 103 12.72 -13.25 -5.25
CA LEU B 103 12.56 -14.40 -4.33
C LEU B 103 13.43 -15.58 -4.81
N ASP B 104 13.46 -15.84 -6.11
CA ASP B 104 14.31 -16.94 -6.68
C ASP B 104 15.78 -16.64 -6.33
N THR B 105 16.21 -15.40 -6.50
CA THR B 105 17.61 -14.98 -6.26
C THR B 105 17.95 -15.14 -4.78
N LEU B 106 17.02 -14.78 -3.87
CA LEU B 106 17.20 -15.00 -2.41
C LEU B 106 17.38 -16.50 -2.15
N ARG B 107 16.52 -17.33 -2.74
CA ARG B 107 16.55 -18.80 -2.50
C ARG B 107 17.92 -19.35 -2.94
N SER B 108 18.48 -18.89 -4.05
CA SER B 108 19.76 -19.40 -4.61
C SER B 108 20.94 -18.81 -3.82
N THR B 109 20.95 -17.51 -3.59
CA THR B 109 22.04 -16.78 -2.90
C THR B 109 22.19 -17.30 -1.46
N HIS B 110 21.10 -17.60 -0.76
CA HIS B 110 21.14 -18.06 0.65
C HIS B 110 20.83 -19.56 0.78
N ARG B 111 21.07 -20.35 -0.28
CA ARG B 111 20.80 -21.81 -0.36
C ARG B 111 21.39 -22.52 0.86
N ARG B 112 22.62 -22.19 1.23
CA ARG B 112 23.39 -22.90 2.30
C ARG B 112 22.61 -22.89 3.63
N THR B 113 22.19 -21.72 4.12
CA THR B 113 21.47 -21.61 5.42
C THR B 113 20.05 -22.16 5.24
N LEU B 114 19.36 -21.83 4.15
CA LEU B 114 17.95 -22.26 3.92
C LEU B 114 17.87 -23.79 3.87
N ASP B 115 18.85 -24.46 3.26
CA ASP B 115 18.81 -25.93 2.98
C ASP B 115 18.75 -26.71 4.30
N SER B 116 19.29 -26.17 5.41
CA SER B 116 19.37 -26.87 6.71
C SER B 116 18.07 -26.71 7.52
N LEU B 117 17.05 -26.03 6.99
CA LEU B 117 15.84 -25.66 7.78
C LEU B 117 14.59 -26.29 7.18
N THR B 118 13.69 -26.80 8.04
CA THR B 118 12.36 -27.32 7.61
C THR B 118 11.43 -26.12 7.37
N GLY B 119 10.17 -26.40 7.00
CA GLY B 119 9.25 -25.48 6.30
C GLY B 119 9.07 -24.17 7.02
N THR B 120 8.60 -24.23 8.27
CA THR B 120 8.08 -23.06 9.02
C THR B 120 9.26 -22.16 9.37
N GLU B 121 10.39 -22.77 9.77
CA GLU B 121 11.65 -22.06 10.09
C GLU B 121 12.28 -21.54 8.80
N ARG B 122 12.15 -22.26 7.68
CA ARG B 122 12.64 -21.81 6.35
C ARG B 122 11.90 -20.54 5.90
N ASP B 123 10.59 -20.51 6.09
CA ASP B 123 9.72 -19.38 5.65
C ASP B 123 10.05 -18.16 6.51
N ARG B 124 10.22 -18.32 7.81
CA ARG B 124 10.62 -17.22 8.74
C ARG B 124 11.95 -16.62 8.29
N ALA B 125 12.93 -17.48 7.95
CA ALA B 125 14.27 -17.04 7.48
C ALA B 125 14.12 -16.26 6.18
N LEU B 126 13.23 -16.69 5.29
CA LEU B 126 13.05 -16.03 3.99
C LEU B 126 12.38 -14.66 4.20
N VAL B 127 11.42 -14.54 5.10
CA VAL B 127 10.84 -13.20 5.45
C VAL B 127 11.98 -12.27 5.87
N GLU B 128 12.85 -12.74 6.77
CA GLU B 128 13.92 -11.90 7.35
C GLU B 128 14.91 -11.50 6.26
N LEU B 129 15.34 -12.47 5.44
CA LEU B 129 16.28 -12.23 4.31
C LEU B 129 15.66 -11.27 3.29
N ASN B 130 14.35 -11.35 3.05
CA ASN B 130 13.68 -10.43 2.10
C ASN B 130 13.78 -8.99 2.66
N VAL B 131 13.49 -8.79 3.96
CA VAL B 131 13.59 -7.44 4.61
C VAL B 131 15.03 -6.90 4.41
N LEU B 132 16.05 -7.68 4.77
CA LEU B 132 17.47 -7.27 4.62
C LEU B 132 17.79 -6.85 3.19
N GLU B 133 17.39 -7.68 2.22
CA GLU B 133 17.70 -7.41 0.79
C GLU B 133 16.97 -6.12 0.35
N GLN B 134 15.71 -5.92 0.77
CA GLN B 134 14.95 -4.69 0.44
C GLN B 134 15.64 -3.49 1.06
N VAL B 135 16.11 -3.59 2.30
CA VAL B 135 16.82 -2.44 2.94
C VAL B 135 18.11 -2.12 2.17
N HIS B 136 18.90 -3.15 1.85
CA HIS B 136 20.18 -2.99 1.10
C HIS B 136 19.88 -2.35 -0.26
N SER B 137 18.87 -2.84 -0.99
CA SER B 137 18.63 -2.38 -2.39
C SER B 137 18.05 -0.97 -2.37
N LEU B 138 17.22 -0.61 -1.39
CA LEU B 138 16.64 0.76 -1.35
C LEU B 138 17.76 1.78 -1.06
N ARG B 139 18.75 1.43 -0.26
CA ARG B 139 19.93 2.31 0.00
C ARG B 139 20.70 2.63 -1.31
N GLN B 140 20.59 1.80 -2.35
CA GLN B 140 21.30 1.96 -3.64
C GLN B 140 20.43 2.67 -4.68
N SER B 141 19.18 2.99 -4.36
CA SER B 141 18.34 3.85 -5.23
C SER B 141 18.96 5.26 -5.26
N ALA B 142 18.89 5.95 -6.40
CA ALA B 142 19.62 7.22 -6.63
C ALA B 142 19.18 8.27 -5.60
N GLU B 143 17.86 8.39 -5.39
CA GLU B 143 17.29 9.39 -4.46
C GLU B 143 17.70 9.05 -3.02
N ALA B 144 17.69 7.78 -2.63
CA ALA B 144 18.02 7.40 -1.23
C ALA B 144 19.52 7.62 -0.98
N ALA B 145 20.38 7.26 -1.95
CA ALA B 145 21.86 7.32 -1.83
C ALA B 145 22.30 8.77 -1.62
N GLU B 146 21.69 9.73 -2.31
CA GLU B 146 22.05 11.16 -2.16
C GLU B 146 21.64 11.63 -0.76
N ALA B 147 20.44 11.28 -0.27
CA ALA B 147 19.99 11.58 1.10
C ALA B 147 20.92 10.93 2.14
N LEU B 148 21.32 9.67 1.98
CA LEU B 148 22.18 8.97 2.96
C LEU B 148 23.54 9.67 3.05
N GLN B 149 24.08 10.11 1.92
CA GLN B 149 25.40 10.79 1.82
C GLN B 149 25.33 12.13 2.58
N LYS B 150 24.14 12.73 2.70
CA LYS B 150 23.95 13.97 3.50
C LYS B 150 23.54 13.61 4.93
N GLN B 151 23.48 12.33 5.28
CA GLN B 151 22.98 11.85 6.60
C GLN B 151 21.60 12.44 6.88
N GLN B 152 20.73 12.49 5.86
CA GLN B 152 19.36 13.03 5.98
C GLN B 152 18.34 11.89 5.75
N LEU B 153 18.78 10.63 5.80
CA LEU B 153 17.85 9.47 5.67
C LEU B 153 18.40 8.26 6.42
N ASN B 154 17.53 7.56 7.14
CA ASN B 154 17.83 6.18 7.61
C ASN B 154 16.77 5.25 7.06
N ILE B 155 17.22 4.08 6.62
CA ILE B 155 16.33 2.96 6.26
C ILE B 155 16.53 1.83 7.28
N TRP B 156 15.43 1.36 7.85
CA TRP B 156 15.37 0.32 8.91
C TRP B 156 14.62 -0.90 8.39
N GLY B 157 15.01 -2.07 8.89
CA GLY B 157 14.27 -3.31 8.66
C GLY B 157 13.65 -3.82 9.93
N MET B 158 12.42 -4.30 9.84
CA MET B 158 11.78 -4.98 11.00
C MET B 158 10.90 -6.12 10.51
N VAL B 159 10.63 -7.06 11.40
CA VAL B 159 9.69 -8.16 11.14
C VAL B 159 8.65 -8.18 12.26
N TYR B 160 7.39 -8.30 11.87
CA TYR B 160 6.22 -8.36 12.77
C TYR B 160 5.74 -9.81 12.90
N ASP B 161 5.45 -10.22 14.12
CA ASP B 161 4.96 -11.57 14.48
C ASP B 161 3.52 -11.43 14.96
N LYS B 162 2.56 -11.76 14.08
CA LYS B 162 1.10 -11.70 14.33
C LYS B 162 0.77 -12.45 15.63
N ALA B 163 1.35 -13.64 15.82
CA ALA B 163 1.05 -14.58 16.95
C ALA B 163 1.37 -13.91 18.30
N THR B 164 2.57 -13.33 18.45
CA THR B 164 3.07 -12.71 19.69
C THR B 164 2.69 -11.22 19.76
N LYS B 165 2.13 -10.65 18.68
CA LYS B 165 1.86 -9.20 18.54
C LYS B 165 3.11 -8.35 18.85
N ARG B 166 4.30 -8.85 18.50
CA ARG B 166 5.60 -8.13 18.72
C ARG B 166 6.36 -7.92 17.40
N GLY B 167 7.10 -6.81 17.35
CA GLY B 167 8.05 -6.48 16.26
C GLY B 167 9.48 -6.73 16.68
N TYR B 168 10.32 -7.14 15.73
CA TYR B 168 11.78 -7.35 15.87
C TYR B 168 12.52 -6.51 14.84
N GLN B 169 13.47 -5.69 15.29
CA GLN B 169 14.34 -4.90 14.38
C GLN B 169 15.48 -5.79 13.88
N LEU B 170 15.81 -5.69 12.58
CA LEU B 170 17.01 -6.34 12.00
C LEU B 170 18.20 -5.43 12.26
N ILE B 171 19.12 -5.88 13.12
CA ILE B 171 20.45 -5.26 13.43
C ILE B 171 21.52 -6.15 12.81
ZN ZN C . -4.71 10.51 0.33
ZN ZN D . -3.84 -0.29 8.25
ZN ZN E . 3.06 -10.70 3.20
#